data_3MJU
#
_entry.id   3MJU
#
_cell.length_a   82.061
_cell.length_b   82.061
_cell.length_c   106.095
_cell.angle_alpha   90.00
_cell.angle_beta   90.00
_cell.angle_gamma   90.00
#
_symmetry.space_group_name_H-M   'P 42 21 2'
#
loop_
_entity.id
_entity.type
_entity.pdbx_description
1 polymer 'Hemoglobin subunit alpha-A'
2 polymer 'Hemoglobin subunit beta'
3 non-polymer 'PROTOPORPHYRIN IX CONTAINING FE'
4 water water
#
loop_
_entity_poly.entity_id
_entity_poly.type
_entity_poly.pdbx_seq_one_letter_code
_entity_poly.pdbx_strand_id
1 'polypeptide(L)'
;VLSANDKSNVKAVFAKIGGQAGDLGGEALERLFITYPQTKTYFPHFDLSHGSAQIKGHGKKVAEALVEAANHIDDIAGAL
SKLSDLHAQKLRVDPVNFKLLGHCFLVVVAVHFPSLLTPEVHASLDKFVLAVGTVLTAKYR
;
A
2 'polypeptide(L)'
;VHWSAEEKQLITSIWGKVNVADCGAEALARLLIVYPWTQRFFSSFGNLSSATAISGNPNVKAHGKKVLTSFGDAVKNLDN
IKGTFAQLSELHCDKLHVDPENFRLLGDILVIILAAHFGKDFTPECQAAWQKLVRVVAHALARKYH
;
B
#
loop_
_chem_comp.id
_chem_comp.type
_chem_comp.name
_chem_comp.formula
HEM non-polymer 'PROTOPORPHYRIN IX CONTAINING FE' 'C34 H32 Fe N4 O4'
#
# COMPACT_ATOMS: atom_id res chain seq x y z
N VAL A 1 9.92 -15.89 -2.23
CA VAL A 1 10.01 -16.64 -0.92
C VAL A 1 10.72 -15.82 0.16
N LEU A 2 10.47 -16.15 1.43
CA LEU A 2 11.16 -15.48 2.52
C LEU A 2 12.49 -16.15 2.79
N SER A 3 13.58 -15.39 2.72
CA SER A 3 14.87 -15.84 3.27
C SER A 3 15.02 -15.30 4.70
N ALA A 4 16.09 -15.71 5.38
CA ALA A 4 16.32 -15.36 6.79
C ALA A 4 16.00 -13.89 7.05
N ASN A 5 16.71 -12.99 6.38
CA ASN A 5 16.53 -11.56 6.63
C ASN A 5 15.11 -11.09 6.41
N ASP A 6 14.40 -11.70 5.44
CA ASP A 6 12.94 -11.50 5.30
C ASP A 6 12.29 -11.92 6.60
N LYS A 7 12.42 -13.22 6.90
CA LYS A 7 11.89 -13.79 8.11
C LYS A 7 12.34 -13.05 9.37
N SER A 8 13.50 -12.38 9.33
CA SER A 8 14.02 -11.68 10.51
C SER A 8 13.63 -10.21 10.61
N ASN A 9 13.53 -9.53 9.47
CA ASN A 9 12.99 -8.18 9.47
C ASN A 9 11.51 -8.26 9.83
N VAL A 10 10.83 -9.31 9.34
CA VAL A 10 9.43 -9.55 9.70
C VAL A 10 9.26 -9.97 11.17
N LYS A 11 10.37 -10.32 11.81
CA LYS A 11 10.38 -10.54 13.26
C LYS A 11 10.62 -9.21 13.96
N ALA A 12 11.78 -8.59 13.70
CA ALA A 12 12.09 -7.27 14.21
C ALA A 12 10.83 -6.41 14.36
N VAL A 13 10.12 -6.18 13.25
CA VAL A 13 8.90 -5.38 13.28
C VAL A 13 7.83 -5.92 14.25
N PHE A 14 7.59 -7.23 14.22
CA PHE A 14 6.60 -7.83 15.11
C PHE A 14 7.03 -7.91 16.58
N ALA A 15 8.31 -7.62 16.84
CA ALA A 15 8.81 -7.53 18.21
C ALA A 15 8.55 -6.13 18.79
N LYS A 16 8.35 -5.15 17.91
CA LYS A 16 7.94 -3.82 18.36
C LYS A 16 6.42 -3.68 18.44
N ILE A 17 5.75 -4.10 17.36
CA ILE A 17 4.30 -3.98 17.27
C ILE A 17 3.56 -4.99 18.16
N GLY A 18 4.32 -5.65 19.04
CA GLY A 18 3.77 -6.54 20.05
C GLY A 18 2.90 -5.76 21.01
N GLY A 19 3.33 -4.54 21.31
CA GLY A 19 2.57 -3.63 22.17
C GLY A 19 1.08 -3.62 21.87
N GLN A 20 0.73 -3.28 20.63
CA GLN A 20 -0.66 -2.95 20.27
C GLN A 20 -1.30 -3.83 19.15
N ALA A 21 -2.53 -4.29 19.39
CA ALA A 21 -3.26 -5.17 18.45
C ALA A 21 -4.73 -4.78 18.23
N GLY A 22 -5.48 -4.62 19.32
CA GLY A 22 -6.83 -4.01 19.28
C GLY A 22 -6.73 -2.49 19.18
N ASP A 23 -5.48 -2.06 19.00
CA ASP A 23 -5.10 -0.67 18.80
C ASP A 23 -4.43 -0.50 17.40
N LEU A 24 -3.88 -1.61 16.86
CA LEU A 24 -3.19 -1.57 15.56
C LEU A 24 -3.81 -2.46 14.47
N GLY A 25 -4.08 -3.72 14.81
CA GLY A 25 -4.85 -4.60 13.92
C GLY A 25 -6.24 -4.01 13.71
N GLY A 26 -6.72 -3.30 14.72
CA GLY A 26 -8.04 -2.70 14.67
C GLY A 26 -8.16 -1.45 13.81
N GLU A 27 -7.04 -0.77 13.57
CA GLU A 27 -7.05 0.48 12.80
C GLU A 27 -6.96 0.23 11.29
N ALA A 28 -6.46 -0.95 10.93
CA ALA A 28 -6.36 -1.34 9.52
C ALA A 28 -7.67 -1.85 8.90
N LEU A 29 -8.70 -2.10 9.73
CA LEU A 29 -10.01 -2.54 9.22
C LEU A 29 -10.99 -1.37 9.02
N GLU A 30 -10.88 -0.38 9.92
CA GLU A 30 -11.49 0.96 9.75
C GLU A 30 -10.94 1.64 8.48
N ARG A 31 -9.67 1.39 8.18
CA ARG A 31 -9.03 1.85 6.95
C ARG A 31 -9.51 1.06 5.73
N LEU A 32 -9.94 -0.18 5.96
CA LEU A 32 -10.41 -1.05 4.90
C LEU A 32 -11.84 -0.71 4.47
N PHE A 33 -12.74 -0.60 5.45
CA PHE A 33 -14.14 -0.26 5.14
C PHE A 33 -14.34 1.17 4.61
N ILE A 34 -13.47 2.09 5.03
CA ILE A 34 -13.54 3.49 4.58
C ILE A 34 -12.98 3.68 3.16
N THR A 35 -11.80 3.12 2.86
CA THR A 35 -11.19 3.24 1.52
C THR A 35 -11.87 2.30 0.52
N TYR A 36 -12.33 1.15 1.01
CA TYR A 36 -13.01 0.16 0.19
C TYR A 36 -14.33 -0.23 0.86
N PRO A 37 -15.38 0.59 0.64
CA PRO A 37 -16.67 0.29 1.24
C PRO A 37 -17.05 -1.11 0.89
N GLN A 38 -17.04 -1.41 -0.41
CA GLN A 38 -17.37 -2.72 -0.98
C GLN A 38 -17.16 -3.93 -0.05
N THR A 39 -16.00 -3.96 0.63
CA THR A 39 -15.63 -5.02 1.54
C THR A 39 -16.52 -5.09 2.78
N LYS A 40 -17.32 -4.05 3.00
CA LYS A 40 -18.44 -4.06 3.95
C LYS A 40 -19.54 -5.07 3.59
N THR A 41 -19.52 -5.65 2.38
CA THR A 41 -20.53 -6.66 1.96
C THR A 41 -20.35 -7.96 2.70
N TYR A 42 -19.15 -8.20 3.20
CA TYR A 42 -18.84 -9.41 3.95
C TYR A 42 -19.35 -9.38 5.39
N PHE A 43 -19.77 -8.20 5.86
CA PHE A 43 -20.18 -7.99 7.27
C PHE A 43 -21.58 -7.38 7.41
N PRO A 44 -22.65 -8.05 6.92
CA PRO A 44 -23.98 -7.50 7.20
C PRO A 44 -24.34 -7.64 8.66
N HIS A 45 -23.75 -8.64 9.31
CA HIS A 45 -23.97 -8.92 10.73
C HIS A 45 -23.27 -7.91 11.64
N PHE A 46 -22.38 -7.11 11.05
CA PHE A 46 -21.53 -6.17 11.78
C PHE A 46 -22.11 -4.75 11.79
N ASP A 47 -21.72 -3.98 12.81
CA ASP A 47 -21.80 -2.52 12.79
C ASP A 47 -20.45 -2.01 12.28
N LEU A 48 -20.47 -1.11 11.29
CA LEU A 48 -19.20 -0.58 10.78
C LEU A 48 -18.94 0.91 11.09
N SER A 49 -19.93 1.57 11.70
CA SER A 49 -19.83 2.96 12.23
C SER A 49 -18.58 3.25 13.06
N HIS A 50 -17.85 4.28 12.64
CA HIS A 50 -16.66 4.80 13.32
C HIS A 50 -16.72 4.48 14.81
N GLY A 51 -15.95 3.47 15.24
CA GLY A 51 -15.70 3.24 16.66
C GLY A 51 -16.16 1.94 17.31
N SER A 52 -17.07 1.21 16.67
CA SER A 52 -17.81 0.07 17.27
C SER A 52 -16.99 -1.10 17.88
N ALA A 53 -17.67 -1.91 18.68
CA ALA A 53 -17.03 -3.01 19.42
C ALA A 53 -16.72 -4.19 18.51
N GLN A 54 -17.07 -4.08 17.24
CA GLN A 54 -16.87 -5.18 16.32
C GLN A 54 -15.54 -5.01 15.58
N ILE A 55 -15.35 -3.85 14.97
CA ILE A 55 -14.09 -3.51 14.30
C ILE A 55 -12.92 -3.32 15.30
N LYS A 56 -13.19 -2.86 16.51
CA LYS A 56 -12.20 -2.93 17.60
C LYS A 56 -11.78 -4.38 17.79
N GLY A 57 -12.78 -5.24 17.97
CA GLY A 57 -12.61 -6.59 18.50
C GLY A 57 -12.29 -7.67 17.49
N HIS A 58 -12.99 -7.68 16.36
CA HIS A 58 -12.57 -8.55 15.29
C HIS A 58 -11.21 -8.06 14.81
N GLY A 59 -11.02 -6.75 14.87
CA GLY A 59 -9.73 -6.11 14.62
C GLY A 59 -8.64 -6.79 15.42
N LYS A 60 -8.81 -6.79 16.74
CA LYS A 60 -7.86 -7.45 17.63
C LYS A 60 -7.57 -8.95 17.27
N LYS A 61 -8.49 -9.60 16.56
CA LYS A 61 -8.32 -10.99 16.13
C LYS A 61 -7.38 -11.13 14.92
N VAL A 62 -7.45 -10.17 14.00
CA VAL A 62 -6.72 -10.20 12.72
C VAL A 62 -5.21 -9.98 12.93
N ALA A 63 -4.85 -9.12 13.87
CA ALA A 63 -3.46 -8.91 14.24
C ALA A 63 -2.88 -10.25 14.70
N GLU A 64 -3.65 -10.97 15.52
CA GLU A 64 -3.19 -12.18 16.18
C GLU A 64 -2.69 -13.21 15.19
N ALA A 65 -3.53 -13.56 14.22
CA ALA A 65 -3.17 -14.55 13.21
C ALA A 65 -2.00 -14.06 12.34
N LEU A 66 -1.79 -12.75 12.29
CA LEU A 66 -0.64 -12.17 11.61
C LEU A 66 0.57 -12.20 12.55
N VAL A 67 0.29 -12.15 13.86
CA VAL A 67 1.33 -12.24 14.88
C VAL A 67 1.67 -13.70 15.03
N GLU A 68 0.63 -14.53 15.13
CA GLU A 68 0.82 -15.96 15.16
C GLU A 68 1.53 -16.39 13.88
N ALA A 69 1.00 -15.96 12.73
CA ALA A 69 1.59 -16.28 11.42
C ALA A 69 3.07 -15.89 11.33
N ALA A 70 3.49 -14.94 12.16
CA ALA A 70 4.89 -14.50 12.19
C ALA A 70 5.76 -15.42 13.05
N ASN A 71 5.16 -15.98 14.11
CA ASN A 71 5.84 -16.91 15.02
C ASN A 71 6.18 -18.25 14.39
N HIS A 72 5.51 -18.56 13.27
CA HIS A 72 5.68 -19.82 12.53
C HIS A 72 6.06 -19.54 11.07
N ILE A 73 7.03 -18.65 10.91
CA ILE A 73 7.39 -18.08 9.61
C ILE A 73 7.79 -19.12 8.56
N ASP A 74 8.00 -20.37 8.97
CA ASP A 74 8.37 -21.44 8.05
C ASP A 74 7.18 -22.30 7.63
N ASP A 75 6.22 -22.46 8.54
CA ASP A 75 5.02 -23.27 8.32
C ASP A 75 3.80 -22.46 8.75
N ILE A 76 3.27 -21.72 7.78
CA ILE A 76 2.22 -20.75 8.02
C ILE A 76 0.88 -21.33 7.56
N ALA A 77 0.94 -22.23 6.59
CA ALA A 77 -0.24 -22.93 6.09
C ALA A 77 -0.96 -23.64 7.23
N GLY A 78 -0.20 -24.41 7.99
CA GLY A 78 -0.72 -25.10 9.16
C GLY A 78 -1.04 -24.12 10.26
N ALA A 79 -0.18 -23.12 10.42
CA ALA A 79 -0.35 -22.11 11.48
C ALA A 79 -1.61 -21.27 11.29
N LEU A 80 -2.19 -21.37 10.09
CA LEU A 80 -3.46 -20.76 9.73
C LEU A 80 -4.26 -21.84 8.99
N SER A 81 -4.55 -22.92 9.69
CA SER A 81 -5.24 -24.05 9.09
C SER A 81 -6.74 -23.81 9.00
N LYS A 82 -7.37 -23.49 10.13
CA LYS A 82 -8.80 -23.19 10.14
C LYS A 82 -9.04 -22.06 9.16
N LEU A 83 -8.46 -20.91 9.49
CA LEU A 83 -8.71 -19.67 8.78
C LEU A 83 -8.80 -19.78 7.25
N SER A 84 -7.86 -20.49 6.62
CA SER A 84 -7.79 -20.63 5.14
C SER A 84 -9.01 -21.30 4.51
N ASP A 85 -9.73 -22.06 5.32
CA ASP A 85 -10.94 -22.73 4.87
C ASP A 85 -12.11 -21.79 5.06
N LEU A 86 -12.28 -21.30 6.29
CA LEU A 86 -13.33 -20.34 6.65
C LEU A 86 -13.35 -19.11 5.75
N HIS A 87 -12.24 -18.84 5.06
CA HIS A 87 -12.13 -17.70 4.14
C HIS A 87 -12.25 -18.09 2.68
N ALA A 88 -11.85 -19.32 2.35
CA ALA A 88 -11.75 -19.78 0.96
C ALA A 88 -12.88 -20.71 0.49
N GLN A 89 -13.34 -21.60 1.37
CA GLN A 89 -14.51 -22.43 1.07
C GLN A 89 -15.82 -21.81 1.59
N LYS A 90 -15.84 -21.29 2.83
CA LYS A 90 -17.09 -20.81 3.44
C LYS A 90 -17.51 -19.38 3.05
N LEU A 91 -16.83 -18.37 3.58
CA LEU A 91 -17.18 -16.99 3.28
C LEU A 91 -16.95 -16.70 1.79
N ARG A 92 -15.95 -17.39 1.21
CA ARG A 92 -15.52 -17.25 -0.21
C ARG A 92 -14.98 -15.87 -0.61
N VAL A 93 -13.96 -15.39 0.12
CA VAL A 93 -13.43 -14.03 -0.02
C VAL A 93 -12.62 -13.84 -1.29
N ASP A 94 -13.05 -12.88 -2.11
CA ASP A 94 -12.38 -12.56 -3.38
C ASP A 94 -10.90 -12.32 -3.10
N PRO A 95 -10.05 -13.02 -3.84
CA PRO A 95 -8.60 -12.93 -3.68
C PRO A 95 -8.10 -11.50 -3.41
N VAL A 96 -8.46 -10.54 -4.25
CA VAL A 96 -7.89 -9.21 -4.11
C VAL A 96 -8.14 -8.59 -2.73
N ASN A 97 -9.19 -9.04 -2.04
CA ASN A 97 -9.56 -8.39 -0.81
C ASN A 97 -8.48 -8.57 0.24
N PHE A 98 -7.52 -9.45 -0.04
CA PHE A 98 -6.37 -9.62 0.84
C PHE A 98 -5.31 -8.49 0.69
N LYS A 99 -4.92 -8.19 -0.56
CA LYS A 99 -3.86 -7.19 -0.83
C LYS A 99 -4.23 -5.88 -0.22
N LEU A 100 -5.49 -5.52 -0.35
CA LEU A 100 -6.04 -4.33 0.28
C LEU A 100 -5.90 -4.38 1.81
N LEU A 101 -6.31 -5.47 2.43
CA LEU A 101 -6.13 -5.61 3.87
C LEU A 101 -4.65 -5.57 4.16
N GLY A 102 -3.89 -6.42 3.48
CA GLY A 102 -2.44 -6.47 3.62
C GLY A 102 -1.82 -5.09 3.54
N HIS A 103 -2.23 -4.35 2.50
CA HIS A 103 -1.81 -2.95 2.30
C HIS A 103 -2.36 -2.04 3.40
N CYS A 104 -3.58 -2.31 3.85
CA CYS A 104 -4.14 -1.61 4.99
C CYS A 104 -3.32 -1.83 6.25
N PHE A 105 -2.76 -3.03 6.38
CA PHE A 105 -1.93 -3.30 7.51
C PHE A 105 -0.62 -2.53 7.44
N LEU A 106 -0.12 -2.32 6.23
CA LEU A 106 1.16 -1.61 6.10
C LEU A 106 1.06 -0.15 6.53
N VAL A 107 -0.06 0.47 6.15
CA VAL A 107 -0.34 1.86 6.45
C VAL A 107 -0.26 2.11 7.94
N VAL A 108 -0.98 1.30 8.71
CA VAL A 108 -1.07 1.49 10.15
C VAL A 108 0.29 1.40 10.83
N VAL A 109 1.15 0.52 10.31
CA VAL A 109 2.52 0.40 10.81
C VAL A 109 3.39 1.59 10.33
N ALA A 110 3.07 2.10 9.15
CA ALA A 110 3.71 3.30 8.61
C ALA A 110 3.21 4.50 9.38
N VAL A 111 1.98 4.41 9.88
CA VAL A 111 1.40 5.41 10.75
C VAL A 111 2.22 5.51 12.04
N HIS A 112 2.18 4.44 12.83
CA HIS A 112 2.71 4.46 14.18
C HIS A 112 4.20 4.16 14.30
N PHE A 113 4.72 3.35 13.39
CA PHE A 113 6.11 2.89 13.52
C PHE A 113 6.92 3.21 12.27
N PRO A 114 7.11 4.53 11.99
CA PRO A 114 7.81 4.98 10.80
C PRO A 114 9.22 4.41 10.66
N SER A 115 10.14 4.83 11.53
CA SER A 115 11.58 4.53 11.40
C SER A 115 11.98 3.06 11.63
N LEU A 116 11.00 2.15 11.62
CA LEU A 116 11.29 0.74 11.42
C LEU A 116 11.15 0.42 9.94
N LEU A 117 9.92 0.55 9.44
CA LEU A 117 9.54 0.29 8.05
C LEU A 117 10.36 1.06 7.04
N THR A 118 11.63 0.67 6.89
CA THR A 118 12.49 1.20 5.86
C THR A 118 12.18 0.45 4.55
N PRO A 119 12.75 0.91 3.41
CA PRO A 119 12.35 0.28 2.15
C PRO A 119 12.49 -1.23 2.22
N GLU A 120 13.63 -1.73 2.67
CA GLU A 120 13.85 -3.16 2.75
C GLU A 120 12.81 -3.84 3.65
N VAL A 121 12.50 -3.20 4.78
CA VAL A 121 11.54 -3.75 5.73
C VAL A 121 10.19 -3.77 5.04
N HIS A 122 9.90 -2.70 4.31
CA HIS A 122 8.68 -2.62 3.53
C HIS A 122 8.55 -3.86 2.66
N ALA A 123 9.60 -4.15 1.90
CA ALA A 123 9.64 -5.33 1.05
C ALA A 123 9.28 -6.59 1.83
N SER A 124 10.03 -6.87 2.90
CA SER A 124 9.79 -8.06 3.71
C SER A 124 8.34 -8.14 4.15
N LEU A 125 7.92 -7.13 4.91
CA LEU A 125 6.55 -6.98 5.33
C LEU A 125 5.58 -7.26 4.20
N ASP A 126 5.86 -6.74 3.01
CA ASP A 126 5.00 -6.99 1.85
C ASP A 126 4.95 -8.46 1.50
N LYS A 127 6.10 -9.04 1.16
CA LYS A 127 6.23 -10.48 0.89
C LYS A 127 5.47 -11.35 1.92
N PHE A 128 5.51 -10.94 3.19
CA PHE A 128 4.82 -11.61 4.32
C PHE A 128 3.29 -11.55 4.24
N VAL A 129 2.72 -10.36 4.42
CA VAL A 129 1.27 -10.24 4.36
C VAL A 129 0.83 -10.78 3.00
N LEU A 130 1.61 -10.47 1.96
CA LEU A 130 1.33 -10.93 0.61
C LEU A 130 1.43 -12.46 0.45
N ALA A 131 2.01 -13.14 1.43
CA ALA A 131 1.96 -14.58 1.42
C ALA A 131 1.11 -15.12 2.57
N VAL A 132 0.69 -14.25 3.46
CA VAL A 132 -0.27 -14.64 4.51
C VAL A 132 -1.62 -14.98 3.87
N GLY A 133 -2.06 -14.13 2.96
CA GLY A 133 -3.29 -14.33 2.20
C GLY A 133 -3.21 -15.51 1.25
N THR A 134 -2.07 -15.66 0.57
CA THR A 134 -1.84 -16.83 -0.30
C THR A 134 -2.27 -18.08 0.46
N VAL A 135 -1.75 -18.20 1.68
CA VAL A 135 -2.05 -19.34 2.52
C VAL A 135 -3.48 -19.30 3.05
N LEU A 136 -4.19 -18.20 2.82
CA LEU A 136 -5.58 -18.10 3.17
C LEU A 136 -6.46 -18.45 1.97
N THR A 137 -5.93 -18.23 0.77
CA THR A 137 -6.62 -18.59 -0.48
C THR A 137 -6.33 -20.05 -0.89
N ALA A 138 -5.29 -20.62 -0.30
CA ALA A 138 -4.82 -21.98 -0.63
C ALA A 138 -5.88 -22.86 -1.28
N LYS A 139 -7.03 -22.97 -0.62
CA LYS A 139 -8.14 -23.81 -1.06
C LYS A 139 -8.60 -23.57 -2.50
N TYR A 140 -8.60 -22.31 -2.97
CA TYR A 140 -9.04 -22.03 -4.33
C TYR A 140 -7.93 -22.02 -5.42
N ARG A 141 -6.71 -21.61 -5.05
CA ARG A 141 -5.59 -21.47 -6.00
C ARG A 141 -4.76 -22.75 -6.08
N VAL B 1 -14.71 10.18 -10.87
CA VAL B 1 -14.82 11.29 -11.86
C VAL B 1 -15.55 12.47 -11.22
N HIS B 2 -16.12 12.23 -10.02
CA HIS B 2 -16.79 13.25 -9.19
C HIS B 2 -15.95 13.47 -7.92
N TRP B 3 -15.85 14.72 -7.48
CA TRP B 3 -15.05 15.04 -6.30
C TRP B 3 -15.84 15.73 -5.20
N SER B 4 -16.24 14.92 -4.21
CA SER B 4 -16.98 15.42 -3.04
C SER B 4 -16.19 16.50 -2.31
N ALA B 5 -16.92 17.44 -1.70
CA ALA B 5 -16.36 18.69 -1.18
C ALA B 5 -15.11 18.53 -0.31
N GLU B 6 -15.25 17.79 0.80
CA GLU B 6 -14.17 17.60 1.78
C GLU B 6 -12.94 16.88 1.21
N GLU B 7 -13.12 16.13 0.12
CA GLU B 7 -12.00 15.45 -0.54
C GLU B 7 -10.99 16.45 -1.09
N LYS B 8 -11.41 17.36 -1.96
CA LYS B 8 -10.50 18.36 -2.53
C LYS B 8 -9.69 19.06 -1.43
N GLN B 9 -10.39 19.60 -0.42
CA GLN B 9 -9.77 20.34 0.71
C GLN B 9 -8.77 19.48 1.47
N LEU B 10 -8.97 18.17 1.41
CA LEU B 10 -8.19 17.22 2.17
C LEU B 10 -6.94 16.76 1.43
N ILE B 11 -7.02 16.60 0.10
CA ILE B 11 -5.86 16.13 -0.68
C ILE B 11 -4.88 17.24 -0.86
N THR B 12 -5.31 18.46 -0.52
CA THR B 12 -4.44 19.63 -0.58
C THR B 12 -3.98 20.09 0.80
N SER B 13 -4.87 20.06 1.80
CA SER B 13 -4.48 20.39 3.18
C SER B 13 -3.40 19.42 3.65
N ILE B 14 -3.08 18.48 2.77
CA ILE B 14 -2.01 17.53 2.97
C ILE B 14 -1.04 17.52 1.79
N TRP B 15 -1.44 18.07 0.65
CA TRP B 15 -0.50 18.15 -0.47
C TRP B 15 0.63 19.13 -0.19
N GLY B 16 0.27 20.40 0.01
CA GLY B 16 1.26 21.48 0.15
C GLY B 16 2.27 21.29 1.28
N LYS B 17 2.01 20.30 2.13
CA LYS B 17 2.92 19.90 3.20
C LYS B 17 3.87 18.77 2.76
N VAL B 18 3.82 18.37 1.48
CA VAL B 18 4.74 17.38 0.91
C VAL B 18 6.04 18.01 0.45
N ASN B 19 7.15 17.42 0.88
CA ASN B 19 8.46 17.81 0.36
C ASN B 19 8.80 17.02 -0.90
N VAL B 20 8.37 17.60 -2.04
CA VAL B 20 8.42 16.97 -3.37
C VAL B 20 9.78 16.32 -3.69
N ALA B 21 10.85 16.87 -3.09
CA ALA B 21 12.19 16.32 -3.19
C ALA B 21 12.31 15.03 -2.40
N ASP B 22 12.09 15.11 -1.08
CA ASP B 22 12.37 14.00 -0.15
C ASP B 22 11.44 12.82 -0.26
N CYS B 23 10.16 13.09 -0.50
CA CYS B 23 9.20 12.02 -0.71
C CYS B 23 9.25 11.65 -2.19
N GLY B 24 10.13 12.30 -2.93
CA GLY B 24 10.30 12.01 -4.34
C GLY B 24 11.12 10.75 -4.54
N ALA B 25 12.32 10.71 -3.97
CA ALA B 25 13.18 9.56 -4.15
C ALA B 25 12.52 8.40 -3.43
N GLU B 26 11.90 8.71 -2.30
CA GLU B 26 11.24 7.75 -1.41
C GLU B 26 10.21 6.84 -2.09
N ALA B 27 9.40 7.40 -2.97
CA ALA B 27 8.35 6.66 -3.66
C ALA B 27 8.96 5.80 -4.73
N LEU B 28 10.09 6.27 -5.25
CA LEU B 28 10.76 5.64 -6.37
C LEU B 28 11.76 4.62 -5.88
N ALA B 29 12.61 5.02 -4.93
CA ALA B 29 13.52 4.08 -4.28
C ALA B 29 12.79 2.89 -3.69
N ARG B 30 11.59 3.12 -3.16
CA ARG B 30 10.78 2.03 -2.62
C ARG B 30 10.22 1.12 -3.71
N LEU B 31 9.84 1.73 -4.84
CA LEU B 31 9.24 0.99 -5.95
C LEU B 31 10.26 0.16 -6.74
N LEU B 32 11.52 0.57 -6.69
CA LEU B 32 12.57 -0.19 -7.36
C LEU B 32 12.97 -1.39 -6.54
N ILE B 33 12.86 -1.25 -5.22
CA ILE B 33 13.26 -2.29 -4.26
C ILE B 33 12.15 -3.31 -4.04
N VAL B 34 10.97 -2.84 -3.66
CA VAL B 34 9.92 -3.81 -3.35
C VAL B 34 9.24 -4.41 -4.62
N TYR B 35 9.53 -3.81 -5.80
CA TYR B 35 9.05 -4.34 -7.10
C TYR B 35 10.14 -4.31 -8.18
N PRO B 36 11.17 -5.15 -8.00
CA PRO B 36 12.40 -5.01 -8.73
C PRO B 36 12.39 -5.51 -10.18
N TRP B 37 11.27 -6.02 -10.67
CA TRP B 37 11.16 -6.31 -12.10
C TRP B 37 10.91 -5.00 -12.80
N THR B 38 10.76 -3.95 -12.01
CA THR B 38 10.60 -2.59 -12.52
C THR B 38 11.91 -1.87 -12.86
N GLN B 39 13.00 -2.25 -12.19
CA GLN B 39 14.36 -1.72 -12.48
C GLN B 39 14.74 -1.91 -13.94
N ARG B 40 13.98 -2.75 -14.63
CA ARG B 40 14.26 -3.07 -16.02
C ARG B 40 14.11 -1.88 -16.97
N PHE B 41 13.33 -0.89 -16.56
CA PHE B 41 13.10 0.30 -17.38
C PHE B 41 14.11 1.40 -17.05
N PHE B 42 14.83 1.20 -15.95
CA PHE B 42 15.80 2.15 -15.42
C PHE B 42 17.27 1.66 -15.51
N SER B 43 17.54 0.80 -16.49
CA SER B 43 18.89 0.32 -16.71
C SER B 43 19.82 1.49 -17.08
N SER B 44 19.25 2.51 -17.72
CA SER B 44 20.01 3.72 -18.03
C SER B 44 20.14 4.64 -16.82
N PHE B 45 19.94 4.09 -15.62
CA PHE B 45 20.00 4.87 -14.40
C PHE B 45 21.28 4.68 -13.58
N GLY B 46 22.15 3.77 -14.03
CA GLY B 46 23.38 3.48 -13.30
C GLY B 46 23.25 2.26 -12.40
N ASN B 47 24.11 2.17 -11.38
CA ASN B 47 24.18 1.00 -10.49
C ASN B 47 22.99 0.88 -9.49
N LEU B 48 22.11 -0.09 -9.70
CA LEU B 48 20.90 -0.27 -8.88
C LEU B 48 20.80 -1.66 -8.23
N SER B 49 21.91 -2.18 -7.73
CA SER B 49 21.96 -3.56 -7.24
C SER B 49 22.04 -3.69 -5.72
N SER B 50 21.45 -2.72 -5.04
CA SER B 50 21.44 -2.66 -3.60
C SER B 50 20.52 -1.55 -3.13
N ALA B 51 19.86 -1.77 -2.00
CA ALA B 51 19.00 -0.77 -1.42
C ALA B 51 19.80 0.52 -1.29
N THR B 52 20.98 0.39 -0.68
CA THR B 52 21.89 1.51 -0.43
C THR B 52 22.08 2.38 -1.69
N ALA B 53 22.08 1.71 -2.85
CA ALA B 53 22.28 2.37 -4.15
C ALA B 53 20.97 2.83 -4.77
N ILE B 54 19.93 2.00 -4.62
CA ILE B 54 18.57 2.32 -5.08
C ILE B 54 18.03 3.54 -4.31
N SER B 55 18.37 3.62 -3.03
CA SER B 55 18.10 4.81 -2.23
C SER B 55 18.96 5.97 -2.73
N GLY B 56 20.20 5.65 -3.11
CA GLY B 56 21.27 6.65 -3.25
C GLY B 56 21.75 7.17 -4.61
N ASN B 57 21.24 6.64 -5.72
CA ASN B 57 21.61 7.15 -7.04
C ASN B 57 21.07 8.56 -7.31
N PRO B 58 21.88 9.44 -7.92
CA PRO B 58 21.46 10.79 -8.34
C PRO B 58 20.38 10.82 -9.42
N ASN B 59 20.47 9.90 -10.37
CA ASN B 59 19.47 9.78 -11.45
C ASN B 59 18.10 9.39 -10.91
N VAL B 60 18.06 8.37 -10.06
CA VAL B 60 16.84 7.99 -9.33
C VAL B 60 16.37 9.14 -8.45
N LYS B 61 17.30 9.79 -7.74
CA LYS B 61 16.98 10.98 -6.92
C LYS B 61 16.11 11.99 -7.64
N ALA B 62 16.58 12.45 -8.81
CA ALA B 62 15.93 13.55 -9.51
C ALA B 62 14.96 13.11 -10.61
N HIS B 63 14.59 11.83 -10.61
CA HIS B 63 13.46 11.33 -11.41
C HIS B 63 12.25 11.23 -10.52
N GLY B 64 12.53 10.98 -9.24
CA GLY B 64 11.53 10.93 -8.19
C GLY B 64 10.87 12.28 -8.10
N LYS B 65 11.67 13.31 -7.80
CA LYS B 65 11.18 14.68 -7.67
C LYS B 65 10.22 15.01 -8.80
N LYS B 66 10.54 14.49 -9.99
CA LYS B 66 9.74 14.68 -11.20
C LYS B 66 8.43 13.89 -11.16
N VAL B 67 8.52 12.63 -10.74
CA VAL B 67 7.36 11.74 -10.67
C VAL B 67 6.28 12.27 -9.72
N LEU B 68 6.73 12.82 -8.59
CA LEU B 68 5.80 13.29 -7.57
C LEU B 68 5.37 14.69 -7.91
N THR B 69 6.23 15.40 -8.65
CA THR B 69 5.93 16.71 -9.23
C THR B 69 4.77 16.56 -10.23
N SER B 70 4.57 15.33 -10.70
CA SER B 70 3.47 14.98 -11.59
C SER B 70 2.16 14.82 -10.82
N PHE B 71 2.22 14.52 -9.53
CA PHE B 71 1.00 14.45 -8.73
C PHE B 71 0.45 15.83 -8.30
N GLY B 72 1.30 16.86 -8.27
CA GLY B 72 0.86 18.23 -7.99
C GLY B 72 0.05 18.82 -9.13
N ASP B 73 0.27 18.24 -10.31
CA ASP B 73 -0.49 18.52 -11.55
C ASP B 73 -1.85 17.80 -11.55
N ALA B 74 -2.00 16.83 -10.65
CA ALA B 74 -3.30 16.20 -10.44
C ALA B 74 -4.07 17.03 -9.43
N VAL B 75 -3.39 17.44 -8.36
CA VAL B 75 -4.03 18.09 -7.23
C VAL B 75 -4.67 19.45 -7.58
N LYS B 76 -3.89 20.37 -8.16
CA LYS B 76 -4.36 21.72 -8.54
C LYS B 76 -5.54 21.70 -9.53
N ASN B 77 -5.48 20.75 -10.48
CA ASN B 77 -6.42 20.65 -11.61
C ASN B 77 -7.32 19.40 -11.54
N LEU B 78 -8.13 19.35 -10.49
CA LEU B 78 -8.78 18.11 -10.06
C LEU B 78 -9.94 17.63 -10.94
N ASP B 79 -10.25 18.39 -12.00
CA ASP B 79 -11.36 18.06 -12.89
C ASP B 79 -10.88 17.58 -14.25
N ASN B 80 -9.57 17.69 -14.50
CA ASN B 80 -9.04 17.52 -15.85
C ASN B 80 -7.78 16.67 -15.90
N ILE B 81 -7.81 15.55 -15.18
CA ILE B 81 -6.67 14.66 -15.11
C ILE B 81 -6.49 13.95 -16.45
N LYS B 82 -7.61 13.87 -17.19
CA LYS B 82 -7.57 13.49 -18.60
C LYS B 82 -6.47 14.27 -19.31
N GLY B 83 -6.70 15.57 -19.47
CA GLY B 83 -5.80 16.45 -20.24
C GLY B 83 -4.37 16.57 -19.77
N THR B 84 -4.18 16.54 -18.45
CA THR B 84 -2.86 16.70 -17.88
C THR B 84 -1.94 15.53 -18.25
N PHE B 85 -2.33 14.32 -17.85
CA PHE B 85 -1.49 13.16 -18.11
C PHE B 85 -1.91 12.42 -19.36
N ALA B 86 -2.32 13.16 -20.38
CA ALA B 86 -2.71 12.52 -21.63
C ALA B 86 -1.47 12.24 -22.48
N GLN B 87 -0.47 13.13 -22.38
CA GLN B 87 0.79 12.94 -23.07
C GLN B 87 1.65 11.90 -22.34
N LEU B 88 1.48 11.82 -21.02
CA LEU B 88 2.15 10.80 -20.21
C LEU B 88 1.41 9.46 -20.26
N SER B 89 0.16 9.49 -20.71
CA SER B 89 -0.61 8.28 -20.95
C SER B 89 0.03 7.52 -22.12
N GLU B 90 0.47 8.27 -23.12
CA GLU B 90 1.19 7.73 -24.27
C GLU B 90 2.56 7.22 -23.86
N LEU B 91 3.39 8.09 -23.28
CA LEU B 91 4.78 7.74 -22.98
C LEU B 91 4.87 6.57 -22.02
N HIS B 92 3.83 6.40 -21.19
CA HIS B 92 3.76 5.23 -20.31
C HIS B 92 3.03 4.06 -20.97
N CYS B 93 2.87 4.15 -22.28
CA CYS B 93 2.31 3.06 -23.06
C CYS B 93 3.13 2.82 -24.32
N ASP B 94 2.84 3.56 -25.38
CA ASP B 94 3.43 3.30 -26.69
C ASP B 94 4.96 3.33 -26.74
N LYS B 95 5.58 4.07 -25.82
CA LYS B 95 7.05 4.23 -25.77
C LYS B 95 7.75 3.14 -24.97
N LEU B 96 7.23 2.85 -23.78
CA LEU B 96 7.91 1.99 -22.84
C LEU B 96 7.23 0.64 -22.69
N HIS B 97 5.90 0.68 -22.57
CA HIS B 97 5.02 -0.50 -22.41
C HIS B 97 4.89 -0.98 -20.96
N VAL B 98 4.44 -0.08 -20.07
CA VAL B 98 4.43 -0.36 -18.64
C VAL B 98 3.07 -0.87 -18.20
N ASP B 99 2.97 -2.13 -17.78
CA ASP B 99 1.65 -2.72 -17.48
C ASP B 99 0.87 -1.97 -16.37
N PRO B 100 -0.39 -1.67 -16.66
CA PRO B 100 -1.26 -0.95 -15.74
C PRO B 100 -1.02 -1.31 -14.29
N GLU B 101 -0.90 -2.60 -13.99
CA GLU B 101 -0.71 -2.97 -12.61
C GLU B 101 0.40 -2.12 -11.95
N ASN B 102 1.56 -2.00 -12.60
CA ASN B 102 2.70 -1.23 -12.10
C ASN B 102 2.38 0.16 -11.57
N PHE B 103 1.54 0.89 -12.30
CA PHE B 103 1.06 2.20 -11.87
C PHE B 103 0.41 2.05 -10.53
N ARG B 104 -0.77 1.41 -10.54
CA ARG B 104 -1.46 1.01 -9.30
C ARG B 104 -0.48 0.56 -8.19
N LEU B 105 0.67 -0.01 -8.56
CA LEU B 105 1.68 -0.36 -7.57
C LEU B 105 2.47 0.83 -7.06
N LEU B 106 3.00 1.67 -7.94
CA LEU B 106 3.60 2.91 -7.47
C LEU B 106 2.58 3.71 -6.63
N GLY B 107 1.34 3.69 -7.07
CA GLY B 107 0.25 4.34 -6.36
C GLY B 107 0.24 4.04 -4.87
N ASP B 108 0.36 2.76 -4.54
CA ASP B 108 0.36 2.34 -3.14
C ASP B 108 1.64 2.74 -2.39
N ILE B 109 2.79 2.60 -3.04
CA ILE B 109 4.05 3.05 -2.47
C ILE B 109 3.79 4.47 -1.98
N LEU B 110 3.24 5.28 -2.88
CA LEU B 110 2.95 6.66 -2.59
C LEU B 110 1.96 6.87 -1.41
N VAL B 111 0.89 6.09 -1.36
CA VAL B 111 -0.06 6.24 -0.26
C VAL B 111 0.56 5.70 1.03
N ILE B 112 1.58 4.85 0.92
CA ILE B 112 2.29 4.41 2.13
C ILE B 112 3.20 5.54 2.63
N ILE B 113 3.90 6.20 1.71
CA ILE B 113 5.02 7.13 2.04
C ILE B 113 4.66 8.43 2.81
N LEU B 114 3.44 8.90 2.65
CA LEU B 114 2.97 10.05 3.42
C LEU B 114 2.34 9.61 4.72
N ALA B 115 1.79 8.38 4.72
CA ALA B 115 1.26 7.74 5.91
C ALA B 115 2.35 7.51 6.93
N ALA B 116 3.60 7.73 6.48
CA ALA B 116 4.81 7.65 7.29
C ALA B 116 5.36 9.07 7.56
N HIS B 117 5.18 9.97 6.60
CA HIS B 117 5.67 11.34 6.73
C HIS B 117 4.72 12.26 7.51
N PHE B 118 3.47 11.85 7.65
CA PHE B 118 2.45 12.70 8.27
C PHE B 118 1.80 12.07 9.49
N GLY B 119 2.19 10.85 9.83
CA GLY B 119 1.64 10.14 11.00
C GLY B 119 0.14 10.27 11.19
N LYS B 120 -0.30 10.49 12.43
CA LYS B 120 -1.74 10.57 12.78
C LYS B 120 -2.54 11.60 12.01
N ASP B 121 -1.86 12.60 11.46
CA ASP B 121 -2.52 13.63 10.68
C ASP B 121 -2.97 13.17 9.29
N PHE B 122 -2.63 11.93 8.92
CA PHE B 122 -3.09 11.25 7.67
C PHE B 122 -4.16 10.18 7.98
N THR B 123 -5.40 10.62 8.11
CA THR B 123 -6.48 9.81 8.68
C THR B 123 -7.19 8.92 7.65
N PRO B 124 -7.93 7.88 8.12
CA PRO B 124 -8.61 6.93 7.23
C PRO B 124 -9.40 7.57 6.09
N GLU B 125 -10.12 8.65 6.41
CA GLU B 125 -10.84 9.44 5.42
C GLU B 125 -9.84 10.03 4.44
N CYS B 126 -8.79 10.66 4.98
CA CYS B 126 -7.71 11.23 4.16
C CYS B 126 -7.08 10.20 3.21
N GLN B 127 -6.90 9.01 3.74
CA GLN B 127 -6.44 7.85 2.99
C GLN B 127 -7.49 7.42 1.94
N ALA B 128 -8.76 7.46 2.35
CA ALA B 128 -9.87 7.19 1.45
C ALA B 128 -9.83 8.17 0.30
N ALA B 129 -9.37 9.39 0.58
CA ALA B 129 -9.31 10.47 -0.41
C ALA B 129 -8.08 10.43 -1.36
N TRP B 130 -6.94 9.89 -0.89
CA TRP B 130 -5.72 9.82 -1.69
C TRP B 130 -5.60 8.54 -2.52
N GLN B 131 -5.89 7.40 -1.90
CA GLN B 131 -5.84 6.08 -2.53
C GLN B 131 -6.83 6.06 -3.68
N LYS B 132 -7.85 6.93 -3.54
CA LYS B 132 -8.72 7.31 -4.64
C LYS B 132 -8.00 8.18 -5.70
N LEU B 133 -7.22 9.19 -5.26
CA LEU B 133 -6.51 10.10 -6.17
C LEU B 133 -5.48 9.31 -6.92
N VAL B 134 -4.88 8.33 -6.24
CA VAL B 134 -4.00 7.40 -6.90
C VAL B 134 -4.74 6.77 -8.08
N ARG B 135 -5.83 6.04 -7.79
CA ARG B 135 -6.61 5.29 -8.79
C ARG B 135 -7.07 6.08 -10.01
N VAL B 136 -6.92 7.41 -9.98
CA VAL B 136 -7.32 8.27 -11.10
C VAL B 136 -6.13 8.82 -11.91
N VAL B 137 -5.07 9.26 -11.21
CA VAL B 137 -3.82 9.63 -11.85
C VAL B 137 -3.30 8.36 -12.45
N ALA B 138 -3.54 7.26 -11.72
CA ALA B 138 -3.27 5.89 -12.15
C ALA B 138 -4.03 5.55 -13.40
N HIS B 139 -5.27 6.01 -13.47
CA HIS B 139 -6.04 5.70 -14.66
C HIS B 139 -5.81 6.63 -15.84
N ALA B 140 -5.56 7.91 -15.58
CA ALA B 140 -5.30 8.89 -16.65
C ALA B 140 -4.26 8.34 -17.64
N LEU B 141 -3.25 7.69 -17.09
CA LEU B 141 -2.18 7.07 -17.86
C LEU B 141 -2.71 5.82 -18.57
N ALA B 142 -3.50 5.04 -17.83
CA ALA B 142 -4.15 3.83 -18.37
C ALA B 142 -5.26 4.22 -19.36
N ARG B 143 -4.88 4.53 -20.59
CA ARG B 143 -5.84 5.00 -21.58
C ARG B 143 -5.53 4.58 -23.00
N LYS B 144 -4.25 4.48 -23.34
CA LYS B 144 -3.84 4.22 -24.72
C LYS B 144 -4.25 2.82 -25.22
N TYR B 145 -5.17 2.21 -24.47
CA TYR B 145 -5.97 1.04 -24.88
C TYR B 145 -7.35 1.43 -24.42
N HIS B 146 -7.60 1.13 -23.14
CA HIS B 146 -8.73 1.63 -22.32
C HIS B 146 -9.62 0.53 -21.72
CHA HEM C . -12.67 -14.02 10.03
CHB HEM C . -7.95 -13.03 10.00
CHC HEM C . -8.35 -11.43 5.48
CHD HEM C . -13.12 -11.12 6.12
C1A HEM C . -11.36 -13.91 10.45
C2A HEM C . -10.81 -14.29 11.74
C3A HEM C . -9.51 -14.00 11.72
C4A HEM C . -9.20 -13.44 10.42
CMA HEM C . -8.49 -14.22 12.87
CAA HEM C . -11.57 -14.87 12.95
CBA HEM C . -11.94 -16.34 12.85
CGA HEM C . -13.00 -16.66 13.89
O1A HEM C . -14.05 -17.24 13.48
O2A HEM C . -12.81 -16.34 15.12
C1B HEM C . -7.63 -12.56 8.76
C2B HEM C . -6.29 -12.25 8.29
C3B HEM C . -6.39 -11.80 7.03
C4B HEM C . -7.80 -11.82 6.67
CMB HEM C . -4.99 -12.43 9.12
CAB HEM C . -5.25 -11.35 6.11
CBB HEM C . -4.34 -10.48 6.58
C1C HEM C . -9.67 -11.15 5.28
C2C HEM C . -10.21 -10.48 4.12
C3C HEM C . -11.53 -10.38 4.27
C4C HEM C . -11.87 -10.98 5.55
CMC HEM C . -9.35 -9.99 2.95
CAC HEM C . -12.53 -9.73 3.28
CBC HEM C . -12.51 -8.42 2.98
C1D HEM C . -13.48 -11.94 7.18
C2D HEM C . -14.82 -12.26 7.59
C3D HEM C . -14.68 -13.16 8.82
C4D HEM C . -13.25 -13.29 9.02
CMD HEM C . -16.17 -11.82 6.96
CAD HEM C . -15.83 -13.79 9.64
CBD HEM C . -16.30 -12.77 10.67
CGD HEM C . -17.41 -13.36 11.51
O1D HEM C . -18.25 -14.07 10.92
O2D HEM C . -17.46 -13.15 12.74
NA HEM C . -10.36 -13.39 9.67
NB HEM C . -8.53 -12.28 7.75
NC HEM C . -10.71 -11.44 6.14
ND HEM C . -12.58 -12.55 8.06
FE HEM C . -10.56 -12.39 7.92
CHA HEM D . 8.70 9.21 -17.20
CHB HEM D . 5.14 10.32 -14.13
CHC HEM D . 4.49 5.61 -13.19
CHD HEM D . 8.58 4.58 -15.57
C1A HEM D . 7.88 9.96 -16.40
C2A HEM D . 7.94 11.41 -16.13
C3A HEM D . 6.96 11.71 -15.27
C4A HEM D . 6.23 10.47 -14.96
CMA HEM D . 6.67 13.12 -14.71
CAA HEM D . 8.97 12.43 -16.70
CBA HEM D . 8.98 12.50 -18.23
CGA HEM D . 9.76 13.70 -18.74
O1A HEM D . 9.93 14.69 -17.99
O2A HEM D . 10.22 13.67 -19.93
C1B HEM D . 4.61 9.15 -13.64
C2B HEM D . 3.46 9.01 -12.77
C3B HEM D . 3.28 7.72 -12.50
C4B HEM D . 4.31 6.98 -13.20
CMB HEM D . 2.56 10.13 -12.20
CAB HEM D . 2.16 7.13 -11.62
CBB HEM D . 1.54 6.00 -11.99
C1C HEM D . 5.55 4.93 -13.74
C2C HEM D . 5.71 3.50 -13.67
C3C HEM D . 6.84 3.20 -14.34
C4C HEM D . 7.42 4.44 -14.84
CMC HEM D . 4.72 2.54 -12.95
CAC HEM D . 7.48 1.80 -14.56
CBC HEM D . 7.07 0.71 -13.88
C1D HEM D . 9.01 5.71 -16.22
C2D HEM D . 10.20 5.82 -17.01
C3D HEM D . 10.23 7.27 -17.52
C4D HEM D . 9.06 7.89 -16.98
CMD HEM D . 11.23 4.71 -17.28
CAD HEM D . 11.29 7.94 -18.41
CBD HEM D . 12.42 8.47 -17.54
CGD HEM D . 13.71 8.24 -18.27
O1D HEM D . 13.90 8.88 -19.33
O2D HEM D . 14.54 7.43 -17.80
NA HEM D . 6.83 9.43 -15.67
NB HEM D . 5.11 7.87 -13.88
NC HEM D . 6.60 5.47 -14.46
ND HEM D . 8.36 6.94 -16.22
FE HEM D . 6.74 7.37 -15.06
#